data_2DXF
#
_entry.id   2DXF
#
_cell.length_a   69.891
_cell.length_b   69.891
_cell.length_c   107.184
_cell.angle_alpha   90.00
_cell.angle_beta   90.00
_cell.angle_gamma   120.00
#
_symmetry.space_group_name_H-M   'P 63'
#
loop_
_entity.id
_entity.type
_entity.pdbx_description
1 polymer 'Nucleoside diphosphate kinase'
2 non-polymer 'CHLORIDE ION'
3 non-polymer 'PHOSPHOAMINOPHOSPHONIC ACID-GUANYLATE ESTER'
4 water water
#
_entity_poly.entity_id   1
_entity_poly.type   'polypeptide(L)'
_entity_poly.pdbx_seq_one_letter_code
;MFQMSETERTLVIIKPDAVVRGLIGEIISRFEKKGLKIVGMKMIWIDRELAEKHYEEHREKPFFKALIDYITKTPVVVMV
LEGRYAVEVVRKMAGATDPKDAAPGTIRGDFGLEVSDAICNVIHASDSKESAEREISLFFKPEELFEYPRAADWFYKKGI
;
_entity_poly.pdbx_strand_id   A,B
#
# COMPACT_ATOMS: atom_id res chain seq x y z
N GLU A 6 24.64 -7.46 3.85
CA GLU A 6 24.28 -6.73 2.59
C GLU A 6 22.84 -6.24 2.64
N THR A 7 22.04 -6.82 3.52
CA THR A 7 20.64 -6.43 3.64
C THR A 7 20.51 -5.03 4.22
N GLU A 8 19.78 -4.18 3.52
CA GLU A 8 19.58 -2.80 3.95
C GLU A 8 18.12 -2.44 3.86
N ARG A 9 17.78 -1.28 4.42
CA ARG A 9 16.42 -0.77 4.36
C ARG A 9 16.49 0.60 3.71
N THR A 10 15.51 0.91 2.87
CA THR A 10 15.47 2.22 2.23
C THR A 10 14.06 2.76 2.30
N LEU A 11 13.94 4.08 2.23
CA LEU A 11 12.63 4.72 2.30
C LEU A 11 12.16 5.15 0.92
N VAL A 12 10.91 4.84 0.60
CA VAL A 12 10.34 5.23 -0.68
C VAL A 12 9.05 5.99 -0.44
N ILE A 13 8.85 7.08 -1.16
CA ILE A 13 7.63 7.83 -1.04
C ILE A 13 6.93 7.79 -2.39
N ILE A 14 5.71 7.28 -2.43
CA ILE A 14 4.95 7.27 -3.66
C ILE A 14 4.30 8.65 -3.64
N LYS A 15 4.84 9.55 -4.46
CA LYS A 15 4.41 10.93 -4.51
C LYS A 15 2.98 11.22 -4.97
N PRO A 16 2.49 12.45 -4.72
CA PRO A 16 1.13 12.83 -5.11
C PRO A 16 0.74 12.57 -6.55
N ASP A 17 1.67 12.76 -7.48
CA ASP A 17 1.32 12.52 -8.88
C ASP A 17 0.98 11.04 -9.10
N ALA A 18 1.72 10.16 -8.44
CA ALA A 18 1.46 8.72 -8.58
C ALA A 18 0.14 8.32 -7.92
N VAL A 19 -0.11 8.88 -6.73
CA VAL A 19 -1.35 8.57 -6.01
C VAL A 19 -2.56 9.04 -6.81
N VAL A 20 -2.51 10.27 -7.29
CA VAL A 20 -3.60 10.83 -8.07
C VAL A 20 -3.85 10.04 -9.36
N ARG A 21 -2.78 9.56 -9.98
CA ARG A 21 -2.90 8.81 -11.22
C ARG A 21 -3.23 7.33 -11.03
N GLY A 22 -3.37 6.90 -9.78
CA GLY A 22 -3.70 5.51 -9.51
C GLY A 22 -2.61 4.50 -9.83
N LEU A 23 -1.36 4.87 -9.53
CA LEU A 23 -0.22 4.01 -9.82
C LEU A 23 0.41 3.36 -8.59
N ILE A 24 -0.24 3.47 -7.43
CA ILE A 24 0.33 2.90 -6.21
C ILE A 24 0.62 1.41 -6.35
N GLY A 25 -0.39 0.66 -6.80
CA GLY A 25 -0.22 -0.77 -6.96
C GLY A 25 0.88 -1.19 -7.91
N GLU A 26 0.93 -0.55 -9.07
CA GLU A 26 1.95 -0.86 -10.06
C GLU A 26 3.36 -0.63 -9.54
N ILE A 27 3.54 0.46 -8.78
CA ILE A 27 4.85 0.77 -8.22
C ILE A 27 5.22 -0.28 -7.18
N ILE A 28 4.31 -0.58 -6.26
CA ILE A 28 4.59 -1.57 -5.23
C ILE A 28 4.94 -2.93 -5.86
N SER A 29 4.20 -3.32 -6.89
CA SER A 29 4.44 -4.59 -7.55
C SER A 29 5.86 -4.73 -8.10
N ARG A 30 6.42 -3.63 -8.61
CA ARG A 30 7.77 -3.70 -9.12
C ARG A 30 8.75 -4.08 -8.03
N PHE A 31 8.53 -3.56 -6.83
CA PHE A 31 9.41 -3.87 -5.71
C PHE A 31 9.21 -5.32 -5.25
N GLU A 32 7.95 -5.75 -5.14
CA GLU A 32 7.68 -7.12 -4.72
C GLU A 32 8.26 -8.13 -5.73
N LYS A 33 8.10 -7.85 -7.02
CA LYS A 33 8.60 -8.75 -8.06
C LYS A 33 10.12 -8.85 -8.08
N LYS A 34 10.78 -7.79 -7.63
CA LYS A 34 12.23 -7.73 -7.58
C LYS A 34 12.76 -8.62 -6.45
N GLY A 35 11.90 -8.85 -5.45
CA GLY A 35 12.28 -9.67 -4.31
C GLY A 35 12.40 -8.82 -3.06
N LEU A 36 12.18 -7.52 -3.18
CA LEU A 36 12.26 -6.62 -2.02
C LEU A 36 11.08 -6.84 -1.09
N LYS A 37 11.32 -6.70 0.21
CA LYS A 37 10.29 -6.90 1.21
C LYS A 37 9.77 -5.58 1.79
N ILE A 38 8.45 -5.44 1.87
CA ILE A 38 7.85 -4.24 2.44
C ILE A 38 7.78 -4.48 3.94
N VAL A 39 8.59 -3.77 4.71
CA VAL A 39 8.59 -3.95 6.15
C VAL A 39 7.81 -2.85 6.87
N GLY A 40 7.39 -1.85 6.11
CA GLY A 40 6.61 -0.76 6.69
C GLY A 40 5.91 0.00 5.59
N MET A 41 4.69 0.46 5.84
CA MET A 41 3.94 1.20 4.84
C MET A 41 2.68 1.87 5.36
N LYS A 42 2.41 3.07 4.88
CA LYS A 42 1.22 3.79 5.29
C LYS A 42 0.95 5.02 4.44
N MET A 43 -0.33 5.33 4.27
CA MET A 43 -0.72 6.50 3.52
C MET A 43 -0.86 7.60 4.57
N ILE A 44 -0.20 8.74 4.31
CA ILE A 44 -0.25 9.89 5.22
C ILE A 44 -0.34 11.13 4.36
N TRP A 45 -0.62 12.27 4.99
CA TRP A 45 -0.67 13.52 4.26
C TRP A 45 0.38 14.38 4.94
N ILE A 46 1.50 14.56 4.24
CA ILE A 46 2.63 15.32 4.77
C ILE A 46 2.35 16.82 4.83
N ASP A 47 2.62 17.43 5.99
CA ASP A 47 2.43 18.86 6.13
C ASP A 47 3.75 19.54 5.78
N ARG A 48 3.73 20.85 5.64
CA ARG A 48 4.94 21.57 5.27
C ARG A 48 6.12 21.38 6.21
N GLU A 49 5.87 21.37 7.52
CA GLU A 49 6.96 21.19 8.48
C GLU A 49 7.70 19.87 8.28
N LEU A 50 6.95 18.79 8.13
CA LEU A 50 7.55 17.48 7.93
C LEU A 50 8.23 17.41 6.57
N ALA A 51 7.61 18.03 5.56
CA ALA A 51 8.16 18.03 4.22
C ALA A 51 9.51 18.75 4.16
N GLU A 52 9.61 19.88 4.84
CA GLU A 52 10.86 20.64 4.84
C GLU A 52 11.97 19.89 5.58
N LYS A 53 11.59 19.07 6.56
CA LYS A 53 12.60 18.30 7.29
C LYS A 53 13.12 17.20 6.36
N HIS A 54 12.20 16.55 5.64
CA HIS A 54 12.58 15.49 4.72
C HIS A 54 13.51 16.03 3.63
N TYR A 55 13.17 17.20 3.10
CA TYR A 55 13.96 17.82 2.03
C TYR A 55 14.88 18.95 2.49
N GLU A 56 15.38 18.87 3.72
CA GLU A 56 16.25 19.90 4.26
C GLU A 56 17.44 20.26 3.38
N GLU A 57 17.99 19.26 2.70
CA GLU A 57 19.15 19.48 1.83
C GLU A 57 18.91 20.46 0.69
N HIS A 58 17.64 20.69 0.35
CA HIS A 58 17.30 21.58 -0.76
C HIS A 58 16.79 22.95 -0.36
N ARG A 59 16.83 23.25 0.93
CA ARG A 59 16.34 24.52 1.44
C ARG A 59 16.78 25.78 0.72
N GLU A 60 18.02 25.81 0.23
CA GLU A 60 18.52 26.99 -0.45
C GLU A 60 18.54 26.93 -1.96
N LYS A 61 17.79 25.98 -2.51
CA LYS A 61 17.70 25.82 -3.96
C LYS A 61 16.43 26.54 -4.44
N PRO A 62 16.48 27.10 -5.64
CA PRO A 62 15.33 27.82 -6.19
C PRO A 62 14.01 27.07 -6.31
N PHE A 63 14.07 25.75 -6.36
CA PHE A 63 12.87 24.94 -6.51
C PHE A 63 12.30 24.43 -5.18
N PHE A 64 12.90 24.84 -4.08
CA PHE A 64 12.47 24.36 -2.77
C PHE A 64 10.97 24.52 -2.47
N LYS A 65 10.46 25.74 -2.59
CA LYS A 65 9.04 25.97 -2.32
C LYS A 65 8.12 25.11 -3.18
N ALA A 66 8.41 25.04 -4.48
CA ALA A 66 7.58 24.26 -5.39
C ALA A 66 7.63 22.78 -4.99
N LEU A 67 8.79 22.34 -4.52
CA LEU A 67 8.96 20.95 -4.10
C LEU A 67 8.11 20.66 -2.88
N ILE A 68 8.08 21.58 -1.94
CA ILE A 68 7.28 21.40 -0.73
C ILE A 68 5.81 21.40 -1.12
N ASP A 69 5.42 22.31 -2.02
CA ASP A 69 4.02 22.37 -2.47
C ASP A 69 3.66 21.03 -3.08
N TYR A 70 4.54 20.51 -3.92
CA TYR A 70 4.34 19.24 -4.61
C TYR A 70 4.16 18.04 -3.68
N ILE A 71 5.12 17.82 -2.80
CA ILE A 71 5.06 16.67 -1.90
C ILE A 71 3.90 16.72 -0.89
N THR A 72 3.33 17.90 -0.67
CA THR A 72 2.21 18.03 0.27
C THR A 72 0.88 18.25 -0.44
N LYS A 73 0.88 18.14 -1.76
CA LYS A 73 -0.31 18.36 -2.57
C LYS A 73 -1.50 17.45 -2.24
N THR A 74 -1.21 16.16 -2.07
CA THR A 74 -2.24 15.18 -1.72
C THR A 74 -1.58 14.14 -0.82
N PRO A 75 -2.36 13.16 -0.33
CA PRO A 75 -1.72 12.16 0.52
C PRO A 75 -0.70 11.40 -0.32
N VAL A 76 0.26 10.77 0.35
CA VAL A 76 1.28 9.98 -0.33
C VAL A 76 1.37 8.65 0.41
N VAL A 77 2.15 7.72 -0.13
CA VAL A 77 2.34 6.45 0.54
C VAL A 77 3.82 6.33 0.86
N VAL A 78 4.14 6.26 2.15
CA VAL A 78 5.53 6.12 2.55
C VAL A 78 5.70 4.64 2.88
N MET A 79 6.83 4.08 2.46
CA MET A 79 7.05 2.67 2.72
C MET A 79 8.54 2.38 2.85
N VAL A 80 8.84 1.35 3.64
CA VAL A 80 10.21 0.94 3.87
C VAL A 80 10.44 -0.38 3.17
N LEU A 81 11.46 -0.43 2.33
CA LEU A 81 11.79 -1.64 1.58
C LEU A 81 13.09 -2.25 2.12
N GLU A 82 13.08 -3.55 2.31
CA GLU A 82 14.23 -4.25 2.85
C GLU A 82 14.74 -5.29 1.84
N GLY A 83 16.06 -5.41 1.74
CA GLY A 83 16.63 -6.37 0.83
C GLY A 83 18.09 -6.12 0.55
N ARG A 84 18.73 -7.08 -0.11
CA ARG A 84 20.14 -6.99 -0.46
C ARG A 84 20.42 -5.68 -1.20
N TYR A 85 21.29 -4.85 -0.62
CA TYR A 85 21.66 -3.56 -1.21
C TYR A 85 20.43 -2.79 -1.69
N ALA A 86 19.37 -2.82 -0.90
CA ALA A 86 18.12 -2.16 -1.24
C ALA A 86 18.25 -0.70 -1.66
N VAL A 87 19.10 0.06 -0.97
CA VAL A 87 19.25 1.47 -1.29
C VAL A 87 19.66 1.72 -2.75
N GLU A 88 20.80 1.20 -3.16
CA GLU A 88 21.26 1.40 -4.53
C GLU A 88 20.33 0.75 -5.55
N VAL A 89 19.79 -0.42 -5.19
CA VAL A 89 18.89 -1.13 -6.09
C VAL A 89 17.63 -0.33 -6.38
N VAL A 90 17.00 0.21 -5.33
CA VAL A 90 15.79 1.00 -5.52
C VAL A 90 16.08 2.29 -6.28
N ARG A 91 17.25 2.88 -6.04
CA ARG A 91 17.62 4.10 -6.75
C ARG A 91 17.72 3.78 -8.24
N LYS A 92 18.26 2.61 -8.55
CA LYS A 92 18.43 2.16 -9.92
C LYS A 92 17.08 1.91 -10.56
N MET A 93 16.16 1.30 -9.81
CA MET A 93 14.82 1.02 -10.31
C MET A 93 14.06 2.31 -10.58
N ALA A 94 14.33 3.34 -9.78
CA ALA A 94 13.64 4.62 -9.92
C ALA A 94 14.01 5.33 -11.22
N GLY A 95 15.30 5.38 -11.53
CA GLY A 95 15.73 6.04 -12.75
C GLY A 95 16.09 7.49 -12.53
N ALA A 96 16.48 8.16 -13.62
CA ALA A 96 16.88 9.56 -13.59
C ALA A 96 15.88 10.48 -12.90
N THR A 97 16.40 11.45 -12.15
CA THR A 97 15.56 12.41 -11.42
C THR A 97 14.49 13.04 -12.29
N ASP A 98 14.87 13.52 -13.47
CA ASP A 98 13.91 14.12 -14.40
C ASP A 98 13.43 12.94 -15.24
N PRO A 99 12.14 12.60 -15.13
CA PRO A 99 11.57 11.48 -15.89
C PRO A 99 11.84 11.45 -17.39
N LYS A 100 11.98 12.61 -18.02
CA LYS A 100 12.21 12.63 -19.46
C LYS A 100 13.56 12.02 -19.79
N ASP A 101 14.47 12.02 -18.82
CA ASP A 101 15.81 11.46 -19.02
C ASP A 101 15.92 10.03 -18.53
N ALA A 102 14.88 9.57 -17.82
CA ALA A 102 14.87 8.21 -17.27
C ALA A 102 14.70 7.14 -18.35
N ALA A 103 15.48 6.08 -18.22
CA ALA A 103 15.46 4.99 -19.17
C ALA A 103 14.22 4.13 -19.13
N PRO A 104 13.73 3.69 -20.30
CA PRO A 104 12.54 2.84 -20.34
C PRO A 104 12.85 1.63 -19.46
N GLY A 105 11.89 1.19 -18.66
CA GLY A 105 12.12 0.06 -17.78
C GLY A 105 12.19 0.51 -16.34
N THR A 106 12.64 1.73 -16.10
CA THR A 106 12.70 2.26 -14.74
C THR A 106 11.32 2.83 -14.42
N ILE A 107 11.05 3.05 -13.14
CA ILE A 107 9.77 3.59 -12.72
C ILE A 107 9.49 4.96 -13.31
N ARG A 108 10.46 5.86 -13.20
CA ARG A 108 10.27 7.20 -13.77
C ARG A 108 10.28 7.14 -15.29
N GLY A 109 11.05 6.21 -15.84
CA GLY A 109 11.13 6.06 -17.28
C GLY A 109 9.81 5.61 -17.90
N ASP A 110 9.10 4.71 -17.23
CA ASP A 110 7.84 4.22 -17.76
C ASP A 110 6.61 5.05 -17.38
N PHE A 111 6.64 5.67 -16.19
CA PHE A 111 5.51 6.42 -15.69
C PHE A 111 5.58 7.95 -15.66
N GLY A 112 6.78 8.51 -15.65
CA GLY A 112 6.90 9.96 -15.55
C GLY A 112 7.27 10.75 -16.78
N LEU A 113 6.89 12.02 -16.79
CA LEU A 113 7.18 12.93 -17.89
C LEU A 113 6.79 14.38 -17.58
N GLU A 114 5.48 14.61 -17.43
CA GLU A 114 4.98 15.95 -17.17
C GLU A 114 5.40 16.51 -15.82
N VAL A 115 5.62 17.82 -15.77
CA VAL A 115 6.03 18.47 -14.55
C VAL A 115 5.22 19.74 -14.30
N SER A 116 5.33 20.24 -13.07
CA SER A 116 4.66 21.48 -12.67
C SER A 116 5.82 22.43 -12.42
N ASP A 117 5.75 23.22 -11.35
CA ASP A 117 6.86 24.11 -11.04
C ASP A 117 7.90 23.26 -10.29
N ALA A 118 7.54 22.00 -10.07
CA ALA A 118 8.40 21.02 -9.43
C ALA A 118 8.57 19.89 -10.43
N ILE A 119 9.70 19.18 -10.36
CA ILE A 119 9.91 18.07 -11.27
C ILE A 119 9.19 16.85 -10.73
N CYS A 120 7.92 16.70 -11.13
CA CYS A 120 7.10 15.58 -10.70
C CYS A 120 7.74 14.30 -11.23
N ASN A 121 8.14 13.41 -10.33
CA ASN A 121 8.79 12.19 -10.79
C ASN A 121 8.37 10.88 -10.13
N VAL A 122 7.07 10.77 -9.85
CA VAL A 122 6.47 9.54 -9.33
C VAL A 122 6.84 9.05 -7.93
N ILE A 123 8.13 8.86 -7.65
CA ILE A 123 8.53 8.40 -6.34
C ILE A 123 9.79 9.06 -5.82
N HIS A 124 10.03 8.87 -4.53
CA HIS A 124 11.23 9.34 -3.86
C HIS A 124 11.92 8.06 -3.40
N ALA A 125 13.25 8.07 -3.40
CA ALA A 125 14.02 6.91 -2.94
C ALA A 125 15.24 7.45 -2.23
N SER A 126 15.52 6.92 -1.03
CA SER A 126 16.68 7.36 -0.26
C SER A 126 17.93 7.29 -1.12
N ASP A 127 18.82 8.28 -0.99
CA ASP A 127 20.04 8.26 -1.81
C ASP A 127 21.20 7.49 -1.17
N SER A 128 21.06 7.11 0.09
CA SER A 128 22.11 6.37 0.78
C SER A 128 21.58 5.71 2.04
N LYS A 129 22.39 4.80 2.60
CA LYS A 129 21.99 4.11 3.82
C LYS A 129 21.79 5.13 4.94
N GLU A 130 22.68 6.11 4.99
CA GLU A 130 22.61 7.16 6.01
C GLU A 130 21.31 7.93 5.88
N SER A 131 21.01 8.38 4.67
CA SER A 131 19.78 9.13 4.41
C SER A 131 18.56 8.28 4.70
N ALA A 132 18.61 7.00 4.29
CA ALA A 132 17.49 6.10 4.53
C ALA A 132 17.19 6.01 6.01
N GLU A 133 18.24 5.84 6.82
CA GLU A 133 18.07 5.75 8.26
C GLU A 133 17.37 7.00 8.78
N ARG A 134 17.83 8.16 8.34
CA ARG A 134 17.24 9.43 8.77
C ARG A 134 15.79 9.56 8.34
N GLU A 135 15.54 9.31 7.05
CA GLU A 135 14.19 9.43 6.51
C GLU A 135 13.21 8.44 7.13
N ILE A 136 13.65 7.21 7.33
CA ILE A 136 12.79 6.20 7.94
C ILE A 136 12.36 6.67 9.33
N SER A 137 13.30 7.22 10.09
CA SER A 137 13.02 7.70 11.44
C SER A 137 12.03 8.88 11.42
N LEU A 138 12.04 9.64 10.33
CA LEU A 138 11.14 10.78 10.19
C LEU A 138 9.67 10.38 10.05
N PHE A 139 9.42 9.32 9.29
CA PHE A 139 8.06 8.88 9.05
C PHE A 139 7.55 7.68 9.84
N PHE A 140 8.46 6.85 10.35
CA PHE A 140 8.03 5.67 11.08
C PHE A 140 8.56 5.50 12.50
N LYS A 141 7.75 4.86 13.33
CA LYS A 141 8.12 4.54 14.70
C LYS A 141 8.49 3.07 14.64
N PRO A 142 9.30 2.57 15.58
CA PRO A 142 9.71 1.16 15.57
C PRO A 142 8.53 0.20 15.50
N GLU A 143 7.41 0.57 16.10
CA GLU A 143 6.22 -0.27 16.12
C GLU A 143 5.54 -0.42 14.76
N GLU A 144 5.97 0.37 13.78
CA GLU A 144 5.39 0.32 12.44
C GLU A 144 6.27 -0.41 11.44
N LEU A 145 7.36 -0.98 11.92
CA LEU A 145 8.30 -1.70 11.06
C LEU A 145 8.31 -3.15 11.52
N PHE A 146 8.26 -4.08 10.56
CA PHE A 146 8.20 -5.49 10.91
C PHE A 146 9.22 -6.43 10.30
N GLU A 147 9.43 -7.54 10.99
CA GLU A 147 10.35 -8.59 10.58
C GLU A 147 9.50 -9.83 10.40
N TYR A 148 9.41 -10.31 9.16
CA TYR A 148 8.60 -11.49 8.87
C TYR A 148 9.13 -12.13 7.60
N PRO A 149 8.76 -13.40 7.35
CA PRO A 149 9.24 -14.06 6.14
C PRO A 149 8.36 -13.89 4.91
N ARG A 150 9.01 -13.64 3.78
CA ARG A 150 8.30 -13.56 2.52
C ARG A 150 8.38 -15.01 2.05
N ALA A 151 7.51 -15.38 1.12
CA ALA A 151 7.45 -16.76 0.65
C ALA A 151 8.79 -17.45 0.33
N ALA A 152 9.60 -16.81 -0.49
CA ALA A 152 10.86 -17.42 -0.91
C ALA A 152 12.09 -17.22 -0.03
N ASP A 153 11.94 -16.57 1.12
CA ASP A 153 13.09 -16.33 1.99
C ASP A 153 13.92 -17.58 2.26
N TRP A 154 13.25 -18.69 2.57
CA TRP A 154 13.93 -19.95 2.88
C TRP A 154 14.87 -20.44 1.78
N PHE A 155 14.54 -20.12 0.54
CA PHE A 155 15.34 -20.55 -0.60
C PHE A 155 16.79 -20.08 -0.56
N TYR A 156 17.00 -18.86 -0.06
CA TYR A 156 18.33 -18.28 -0.03
C TYR A 156 19.13 -18.55 1.24
N LYS A 157 18.50 -19.22 2.21
CA LYS A 157 19.16 -19.54 3.46
C LYS A 157 20.14 -20.69 3.26
N LYS A 158 21.25 -20.67 3.99
CA LYS A 158 22.26 -21.72 3.88
C LYS A 158 22.44 -22.49 5.17
N SER B 5 -25.60 9.58 -0.43
CA SER B 5 -25.34 9.35 -1.88
C SER B 5 -24.98 7.89 -2.12
N GLU B 6 -24.47 7.60 -3.32
CA GLU B 6 -24.09 6.23 -3.65
C GLU B 6 -22.66 5.95 -3.23
N THR B 7 -21.91 6.99 -2.88
CA THR B 7 -20.52 6.84 -2.48
C THR B 7 -20.42 6.18 -1.10
N GLU B 8 -19.68 5.08 -1.04
CA GLU B 8 -19.50 4.35 0.20
C GLU B 8 -18.02 4.07 0.47
N ARG B 9 -17.73 3.60 1.68
CA ARG B 9 -16.37 3.25 2.07
C ARG B 9 -16.39 1.82 2.60
N THR B 10 -15.47 1.00 2.13
CA THR B 10 -15.41 -0.38 2.61
C THR B 10 -13.99 -0.69 3.08
N LEU B 11 -13.87 -1.71 3.93
CA LEU B 11 -12.58 -2.09 4.46
C LEU B 11 -12.06 -3.34 3.76
N VAL B 12 -10.80 -3.29 3.33
CA VAL B 12 -10.16 -4.42 2.69
C VAL B 12 -8.91 -4.79 3.47
N ILE B 13 -8.71 -6.08 3.68
CA ILE B 13 -7.51 -6.53 4.36
C ILE B 13 -6.78 -7.42 3.38
N ILE B 14 -5.54 -7.07 3.07
CA ILE B 14 -4.73 -7.91 2.20
C ILE B 14 -4.09 -8.85 3.22
N LYS B 15 -4.62 -10.05 3.28
CA LYS B 15 -4.20 -11.08 4.23
C LYS B 15 -2.76 -11.58 4.12
N PRO B 16 -2.27 -12.25 5.17
CA PRO B 16 -0.90 -12.78 5.20
C PRO B 16 -0.47 -13.61 3.99
N ASP B 17 -1.38 -14.42 3.44
CA ASP B 17 -0.98 -15.21 2.28
C ASP B 17 -0.62 -14.31 1.10
N ALA B 18 -1.37 -13.23 0.90
CA ALA B 18 -1.09 -12.30 -0.19
C ALA B 18 0.20 -11.53 0.08
N VAL B 19 0.40 -11.11 1.31
CA VAL B 19 1.62 -10.36 1.67
C VAL B 19 2.83 -11.25 1.44
N VAL B 20 2.78 -12.47 1.96
CA VAL B 20 3.89 -13.40 1.83
C VAL B 20 4.22 -13.71 0.36
N ARG B 21 3.20 -13.86 -0.47
CA ARG B 21 3.39 -14.17 -1.88
C ARG B 21 3.75 -12.98 -2.76
N GLY B 22 3.84 -11.79 -2.16
CA GLY B 22 4.18 -10.61 -2.92
C GLY B 22 3.10 -10.11 -3.85
N LEU B 23 1.85 -10.19 -3.41
CA LEU B 23 0.72 -9.78 -4.24
C LEU B 23 0.06 -8.46 -3.84
N ILE B 24 0.66 -7.71 -2.91
CA ILE B 24 0.07 -6.45 -2.47
C ILE B 24 -0.21 -5.50 -3.62
N GLY B 25 0.81 -5.25 -4.44
CA GLY B 25 0.65 -4.33 -5.55
C GLY B 25 -0.42 -4.70 -6.57
N GLU B 26 -0.45 -5.98 -6.95
CA GLU B 26 -1.43 -6.44 -7.92
C GLU B 26 -2.85 -6.27 -7.43
N ILE B 27 -3.06 -6.50 -6.14
CA ILE B 27 -4.39 -6.35 -5.57
C ILE B 27 -4.79 -4.88 -5.55
N ILE B 28 -3.90 -4.03 -5.08
CA ILE B 28 -4.18 -2.60 -5.03
C ILE B 28 -4.48 -2.07 -6.43
N SER B 29 -3.70 -2.48 -7.42
CA SER B 29 -3.92 -2.01 -8.80
C SER B 29 -5.31 -2.33 -9.32
N ARG B 30 -5.87 -3.46 -8.91
CA ARG B 30 -7.20 -3.82 -9.38
C ARG B 30 -8.23 -2.80 -8.91
N PHE B 31 -8.08 -2.35 -7.66
CA PHE B 31 -9.01 -1.38 -7.12
C PHE B 31 -8.78 0.00 -7.76
N GLU B 32 -7.52 0.37 -7.95
CA GLU B 32 -7.23 1.66 -8.58
C GLU B 32 -7.75 1.71 -10.01
N LYS B 33 -7.56 0.63 -10.75
CA LYS B 33 -8.01 0.55 -12.15
C LYS B 33 -9.52 0.58 -12.28
N LYS B 34 -10.23 0.11 -11.25
CA LYS B 34 -11.69 0.09 -11.24
C LYS B 34 -12.23 1.51 -11.06
N GLY B 35 -11.41 2.37 -10.46
CA GLY B 35 -11.82 3.74 -10.22
C GLY B 35 -12.04 4.00 -8.75
N LEU B 36 -11.82 2.99 -7.93
CA LEU B 36 -11.97 3.14 -6.48
C LEU B 36 -10.82 3.97 -5.92
N LYS B 37 -11.11 4.74 -4.88
CA LYS B 37 -10.11 5.61 -4.27
C LYS B 37 -9.62 5.07 -2.93
N ILE B 38 -8.31 5.05 -2.74
CA ILE B 38 -7.74 4.60 -1.48
C ILE B 38 -7.69 5.80 -0.56
N VAL B 39 -8.56 5.83 0.45
CA VAL B 39 -8.60 6.96 1.37
C VAL B 39 -7.84 6.70 2.66
N GLY B 40 -7.38 5.46 2.84
CA GLY B 40 -6.62 5.08 4.01
C GLY B 40 -5.91 3.78 3.78
N MET B 41 -4.69 3.64 4.30
CA MET B 41 -3.93 2.41 4.12
C MET B 41 -2.68 2.32 4.97
N LYS B 42 -2.39 1.13 5.47
CA LYS B 42 -1.20 0.92 6.29
C LYS B 42 -0.93 -0.56 6.51
N MET B 43 0.34 -0.90 6.70
CA MET B 43 0.73 -2.26 6.99
C MET B 43 0.80 -2.34 8.51
N ILE B 44 0.11 -3.33 9.07
CA ILE B 44 0.09 -3.55 10.51
C ILE B 44 0.21 -5.04 10.77
N TRP B 45 0.49 -5.41 12.01
CA TRP B 45 0.56 -6.83 12.35
C TRP B 45 -0.54 -6.99 13.39
N ILE B 46 -1.65 -7.58 12.94
CA ILE B 46 -2.81 -7.78 13.81
C ILE B 46 -2.53 -8.74 14.96
N ASP B 47 -2.95 -8.34 16.16
CA ASP B 47 -2.77 -9.16 17.35
C ASP B 47 -4.04 -9.97 17.55
N ARG B 48 -3.97 -10.98 18.41
CA ARG B 48 -5.12 -11.83 18.68
C ARG B 48 -6.38 -11.07 19.12
N GLU B 49 -6.22 -10.09 20.02
CA GLU B 49 -7.37 -9.33 20.50
C GLU B 49 -8.08 -8.61 19.35
N LEU B 50 -7.31 -7.94 18.50
CA LEU B 50 -7.90 -7.21 17.37
C LEU B 50 -8.48 -8.18 16.35
N ALA B 51 -7.78 -9.29 16.11
CA ALA B 51 -8.26 -10.29 15.16
C ALA B 51 -9.60 -10.84 15.63
N GLU B 52 -9.69 -11.16 16.91
CA GLU B 52 -10.93 -11.69 17.47
C GLU B 52 -12.08 -10.68 17.42
N LYS B 53 -11.76 -9.41 17.56
CA LYS B 53 -12.77 -8.36 17.53
C LYS B 53 -13.31 -8.23 16.09
N HIS B 54 -12.39 -8.23 15.13
CA HIS B 54 -12.76 -8.11 13.72
C HIS B 54 -13.67 -9.27 13.32
N TYR B 55 -13.34 -10.47 13.78
CA TYR B 55 -14.10 -11.67 13.46
C TYR B 55 -14.96 -12.13 14.63
N GLU B 56 -15.48 -11.18 15.41
CA GLU B 56 -16.30 -11.52 16.58
C GLU B 56 -17.55 -12.33 16.20
N GLU B 57 -18.12 -12.05 15.05
CA GLU B 57 -19.33 -12.75 14.61
C GLU B 57 -19.08 -14.23 14.32
N HIS B 58 -17.81 -14.63 14.36
CA HIS B 58 -17.46 -16.03 14.09
C HIS B 58 -16.82 -16.69 15.31
N ARG B 59 -16.82 -15.99 16.44
CA ARG B 59 -16.22 -16.53 17.66
C ARG B 59 -16.89 -17.82 18.12
N GLU B 60 -18.14 -18.01 17.72
CA GLU B 60 -18.88 -19.22 18.09
C GLU B 60 -18.91 -20.21 16.94
N LYS B 61 -17.80 -20.30 16.22
CA LYS B 61 -17.69 -21.22 15.08
C LYS B 61 -16.39 -22.01 15.16
N PRO B 62 -16.42 -23.29 14.76
CA PRO B 62 -15.29 -24.23 14.76
C PRO B 62 -13.97 -23.71 14.17
N PHE B 63 -14.05 -23.09 13.01
CA PHE B 63 -12.86 -22.58 12.32
C PHE B 63 -12.30 -21.28 12.90
N PHE B 64 -12.89 -20.78 13.98
CA PHE B 64 -12.44 -19.54 14.59
C PHE B 64 -10.95 -19.50 14.92
N LYS B 65 -10.46 -20.54 15.61
CA LYS B 65 -9.06 -20.61 16.00
C LYS B 65 -8.10 -20.52 14.81
N ALA B 66 -8.33 -21.35 13.80
CA ALA B 66 -7.49 -21.36 12.61
C ALA B 66 -7.52 -20.00 11.92
N LEU B 67 -8.69 -19.36 11.95
CA LEU B 67 -8.88 -18.06 11.33
C LEU B 67 -8.02 -16.99 12.01
N ILE B 68 -8.01 -16.99 13.33
CA ILE B 68 -7.21 -16.02 14.07
C ILE B 68 -5.72 -16.24 13.82
N ASP B 69 -5.31 -17.50 13.81
CA ASP B 69 -3.92 -17.86 13.56
C ASP B 69 -3.50 -17.36 12.19
N TYR B 70 -4.38 -17.57 11.22
CA TYR B 70 -4.14 -17.16 9.84
C TYR B 70 -4.01 -15.65 9.66
N ILE B 71 -5.01 -14.90 10.11
CA ILE B 71 -4.98 -13.45 9.95
C ILE B 71 -3.87 -12.74 10.73
N THR B 72 -3.29 -13.41 11.72
CA THR B 72 -2.21 -12.81 12.51
C THR B 72 -0.85 -13.45 12.23
N LYS B 73 -0.78 -14.30 11.22
CA LYS B 73 0.46 -15.00 10.89
C LYS B 73 1.63 -14.09 10.50
N THR B 74 1.35 -13.06 9.72
CA THR B 74 2.37 -12.08 9.31
C THR B 74 1.67 -10.74 9.21
N PRO B 75 2.43 -9.66 8.92
CA PRO B 75 1.74 -8.38 8.82
C PRO B 75 0.76 -8.44 7.65
N VAL B 76 -0.23 -7.54 7.68
CA VAL B 76 -1.23 -7.46 6.62
C VAL B 76 -1.29 -6.01 6.17
N VAL B 77 -2.07 -5.73 5.14
CA VAL B 77 -2.24 -4.36 4.68
C VAL B 77 -3.73 -4.07 4.77
N VAL B 78 -4.10 -3.15 5.64
CA VAL B 78 -5.50 -2.79 5.77
C VAL B 78 -5.68 -1.51 4.98
N MET B 79 -6.83 -1.39 4.32
CA MET B 79 -7.08 -0.19 3.54
C MET B 79 -8.55 0.10 3.38
N VAL B 80 -8.86 1.37 3.19
CA VAL B 80 -10.25 1.78 3.03
C VAL B 80 -10.42 2.26 1.61
N LEU B 81 -11.38 1.66 0.91
CA LEU B 81 -11.65 2.02 -0.47
C LEU B 81 -12.95 2.82 -0.53
N GLU B 82 -12.91 3.91 -1.29
CA GLU B 82 -14.07 4.78 -1.41
C GLU B 82 -14.56 4.85 -2.85
N GLY B 83 -15.87 4.80 -3.03
CA GLY B 83 -16.43 4.88 -4.36
C GLY B 83 -17.88 4.47 -4.45
N ARG B 84 -18.47 4.68 -5.62
CA ARG B 84 -19.85 4.34 -5.88
C ARG B 84 -20.16 2.88 -5.52
N TYR B 85 -21.07 2.69 -4.57
CA TYR B 85 -21.46 1.35 -4.10
C TYR B 85 -20.24 0.47 -3.83
N ALA B 86 -19.21 1.08 -3.27
CA ALA B 86 -17.95 0.37 -2.98
C ALA B 86 -18.10 -0.97 -2.25
N VAL B 87 -18.98 -1.04 -1.26
CA VAL B 87 -19.14 -2.29 -0.52
C VAL B 87 -19.49 -3.49 -1.41
N GLU B 88 -20.60 -3.41 -2.13
CA GLU B 88 -21.02 -4.51 -2.99
C GLU B 88 -20.01 -4.73 -4.12
N VAL B 89 -19.45 -3.65 -4.64
CA VAL B 89 -18.49 -3.75 -5.74
C VAL B 89 -17.21 -4.49 -5.36
N VAL B 90 -16.60 -4.11 -4.24
CA VAL B 90 -15.38 -4.77 -3.80
C VAL B 90 -15.67 -6.23 -3.48
N ARG B 91 -16.85 -6.50 -2.96
CA ARG B 91 -17.23 -7.87 -2.64
C ARG B 91 -17.27 -8.69 -3.92
N LYS B 92 -17.85 -8.10 -4.96
CA LYS B 92 -17.94 -8.76 -6.26
C LYS B 92 -16.55 -8.99 -6.83
N MET B 93 -15.68 -8.00 -6.67
CA MET B 93 -14.32 -8.10 -7.16
C MET B 93 -13.54 -9.19 -6.44
N ALA B 94 -13.82 -9.36 -5.15
CA ALA B 94 -13.15 -10.37 -4.34
C ALA B 94 -13.46 -11.80 -4.80
N GLY B 95 -14.73 -12.07 -5.08
CA GLY B 95 -15.12 -13.41 -5.51
C GLY B 95 -15.56 -14.29 -4.35
N ALA B 96 -15.94 -15.53 -4.67
CA ALA B 96 -16.41 -16.49 -3.66
C ALA B 96 -15.42 -16.68 -2.52
N THR B 97 -15.96 -16.82 -1.31
CA THR B 97 -15.16 -16.99 -0.10
C THR B 97 -14.08 -18.06 -0.22
N ASP B 98 -14.44 -19.23 -0.76
CA ASP B 98 -13.45 -20.29 -0.95
C ASP B 98 -12.93 -20.03 -2.35
N PRO B 99 -11.65 -19.65 -2.48
CA PRO B 99 -11.07 -19.36 -3.78
C PRO B 99 -11.22 -20.43 -4.86
N LYS B 100 -11.37 -21.70 -4.47
CA LYS B 100 -11.53 -22.74 -5.49
C LYS B 100 -12.84 -22.53 -6.24
N ASP B 101 -13.81 -21.89 -5.58
CA ASP B 101 -15.11 -21.62 -6.17
C ASP B 101 -15.21 -20.25 -6.85
N ALA B 102 -14.23 -19.39 -6.59
CA ALA B 102 -14.24 -18.05 -7.16
C ALA B 102 -14.00 -18.05 -8.66
N ALA B 103 -14.74 -17.21 -9.37
CA ALA B 103 -14.64 -17.12 -10.82
C ALA B 103 -13.37 -16.46 -11.33
N PRO B 104 -12.84 -16.95 -12.44
CA PRO B 104 -11.62 -16.35 -13.00
C PRO B 104 -11.96 -14.88 -13.26
N GLY B 105 -11.03 -13.99 -12.94
CA GLY B 105 -11.30 -12.58 -13.12
C GLY B 105 -11.42 -11.89 -11.77
N THR B 106 -11.90 -12.61 -10.76
CA THR B 106 -12.00 -12.04 -9.42
C THR B 106 -10.65 -12.22 -8.75
N ILE B 107 -10.43 -11.48 -7.67
CA ILE B 107 -9.15 -11.56 -6.95
C ILE B 107 -8.90 -12.96 -6.40
N ARG B 108 -9.90 -13.54 -5.72
CA ARG B 108 -9.72 -14.88 -5.19
C ARG B 108 -9.66 -15.90 -6.32
N GLY B 109 -10.41 -15.65 -7.38
CA GLY B 109 -10.43 -16.56 -8.51
C GLY B 109 -9.09 -16.65 -9.24
N ASP B 110 -8.39 -15.52 -9.34
CA ASP B 110 -7.11 -15.52 -10.03
C ASP B 110 -5.91 -15.84 -9.14
N PHE B 111 -6.00 -15.47 -7.86
CA PHE B 111 -4.87 -15.65 -6.95
C PHE B 111 -4.98 -16.71 -5.85
N GLY B 112 -6.19 -17.14 -5.51
CA GLY B 112 -6.32 -18.09 -4.43
C GLY B 112 -6.69 -19.51 -4.75
N LEU B 113 -6.26 -20.43 -3.89
CA LEU B 113 -6.56 -21.86 -4.07
C LEU B 113 -6.22 -22.68 -2.84
N GLU B 114 -4.93 -22.74 -2.51
CA GLU B 114 -4.45 -23.52 -1.39
C GLU B 114 -4.92 -22.99 -0.03
N VAL B 115 -5.15 -23.91 0.90
CA VAL B 115 -5.60 -23.55 2.23
C VAL B 115 -4.79 -24.25 3.31
N SER B 116 -4.87 -23.74 4.53
CA SER B 116 -4.20 -24.33 5.68
C SER B 116 -5.34 -24.86 6.53
N ASP B 117 -5.27 -24.66 7.84
CA ASP B 117 -6.36 -25.09 8.70
C ASP B 117 -7.47 -24.06 8.48
N ALA B 118 -7.08 -22.92 7.90
CA ALA B 118 -8.02 -21.85 7.60
C ALA B 118 -8.17 -21.77 6.07
N ILE B 119 -9.29 -21.24 5.62
CA ILE B 119 -9.52 -21.11 4.18
C ILE B 119 -8.85 -19.83 3.70
N CYS B 120 -7.56 -19.92 3.43
CA CYS B 120 -6.78 -18.78 2.98
C CYS B 120 -7.42 -18.25 1.71
N ASN B 121 -7.82 -16.99 1.71
CA ASN B 121 -8.48 -16.44 0.54
C ASN B 121 -8.05 -15.06 0.08
N VAL B 122 -6.75 -14.78 0.20
CA VAL B 122 -6.14 -13.55 -0.29
C VAL B 122 -6.50 -12.22 0.36
N ILE B 123 -7.79 -11.90 0.40
CA ILE B 123 -8.21 -10.65 1.03
C ILE B 123 -9.51 -10.80 1.80
N HIS B 124 -9.82 -9.75 2.55
CA HIS B 124 -11.06 -9.62 3.29
C HIS B 124 -11.74 -8.41 2.68
N ALA B 125 -13.07 -8.45 2.56
CA ALA B 125 -13.83 -7.32 2.05
C ALA B 125 -15.08 -7.24 2.90
N SER B 126 -15.40 -6.04 3.39
CA SER B 126 -16.60 -5.87 4.22
C SER B 126 -17.82 -6.46 3.53
N ASP B 127 -18.67 -7.14 4.30
CA ASP B 127 -19.87 -7.78 3.76
C ASP B 127 -21.05 -6.83 3.56
N SER B 128 -21.07 -5.72 4.30
CA SER B 128 -22.16 -4.76 4.18
C SER B 128 -21.74 -3.40 4.68
N LYS B 129 -22.60 -2.41 4.48
CA LYS B 129 -22.30 -1.05 4.94
C LYS B 129 -22.16 -1.02 6.45
N GLU B 130 -22.98 -1.82 7.13
CA GLU B 130 -22.92 -1.88 8.58
C GLU B 130 -21.60 -2.48 9.04
N SER B 131 -21.19 -3.58 8.40
CA SER B 131 -19.93 -4.22 8.75
C SER B 131 -18.76 -3.32 8.37
N ALA B 132 -18.88 -2.65 7.23
CA ALA B 132 -17.83 -1.76 6.77
C ALA B 132 -17.57 -0.65 7.79
N GLU B 133 -18.65 -0.04 8.27
CA GLU B 133 -18.52 1.04 9.25
C GLU B 133 -17.82 0.53 10.50
N ARG B 134 -18.25 -0.63 10.98
CA ARG B 134 -17.67 -1.23 12.19
C ARG B 134 -16.19 -1.57 12.01
N GLU B 135 -15.86 -2.21 10.90
CA GLU B 135 -14.50 -2.63 10.63
C GLU B 135 -13.53 -1.48 10.39
N ILE B 136 -13.99 -0.46 9.66
CA ILE B 136 -13.13 0.69 9.40
C ILE B 136 -12.71 1.31 10.72
N SER B 137 -13.64 1.37 11.68
CA SER B 137 -13.36 1.96 12.99
C SER B 137 -12.34 1.16 13.79
N LEU B 138 -12.39 -0.17 13.67
CA LEU B 138 -11.47 -1.04 14.39
C LEU B 138 -10.02 -0.84 13.95
N PHE B 139 -9.82 -0.55 12.68
CA PHE B 139 -8.47 -0.39 12.17
C PHE B 139 -7.99 1.03 11.91
N PHE B 140 -8.90 1.96 11.69
CA PHE B 140 -8.50 3.33 11.38
C PHE B 140 -9.10 4.44 12.25
N LYS B 141 -8.27 5.43 12.54
CA LYS B 141 -8.71 6.60 13.28
C LYS B 141 -9.08 7.59 12.18
N PRO B 142 -10.03 8.48 12.44
CA PRO B 142 -10.41 9.46 11.42
C PRO B 142 -9.22 10.23 10.86
N GLU B 143 -8.18 10.40 11.68
CA GLU B 143 -6.97 11.11 11.29
C GLU B 143 -6.17 10.40 10.20
N GLU B 144 -6.46 9.12 10.00
CA GLU B 144 -5.76 8.30 9.01
C GLU B 144 -6.55 8.14 7.72
N LEU B 145 -7.69 8.82 7.62
CA LEU B 145 -8.52 8.73 6.42
C LEU B 145 -8.52 10.09 5.75
N PHE B 146 -8.32 10.11 4.43
CA PHE B 146 -8.23 11.38 3.72
C PHE B 146 -9.21 11.64 2.61
N GLU B 147 -9.43 12.93 2.36
CA GLU B 147 -10.32 13.40 1.30
C GLU B 147 -9.44 14.16 0.32
N TYR B 148 -9.30 13.62 -0.88
CA TYR B 148 -8.45 14.25 -1.90
C TYR B 148 -8.93 13.82 -3.28
N PRO B 149 -8.55 14.57 -4.31
CA PRO B 149 -8.98 14.22 -5.66
C PRO B 149 -8.11 13.22 -6.42
N ARG B 150 -8.74 12.26 -7.07
CA ARG B 150 -8.01 11.32 -7.90
C ARG B 150 -8.05 12.02 -9.26
N ALA B 151 -7.15 11.65 -10.16
CA ALA B 151 -7.06 12.30 -11.46
C ALA B 151 -8.37 12.59 -12.21
N ALA B 152 -9.21 11.57 -12.39
CA ALA B 152 -10.43 11.74 -13.16
C ALA B 152 -11.68 12.19 -12.42
N ASP B 153 -11.55 12.52 -11.14
CA ASP B 153 -12.72 12.94 -10.36
C ASP B 153 -13.55 14.03 -11.04
N TRP B 154 -12.88 15.01 -11.63
CA TRP B 154 -13.56 16.11 -12.30
C TRP B 154 -14.46 15.68 -13.46
N PHE B 155 -14.10 14.57 -14.10
CA PHE B 155 -14.85 14.08 -15.25
C PHE B 155 -16.29 13.69 -14.91
N TYR B 156 -16.52 13.22 -13.69
CA TYR B 156 -17.84 12.76 -13.28
C TYR B 156 -18.74 13.77 -12.58
N LYS B 157 -18.29 15.02 -12.46
CA LYS B 157 -19.10 16.03 -11.81
C LYS B 157 -20.49 16.12 -12.44
N LYS B 158 -21.52 16.12 -11.60
CA LYS B 158 -22.90 16.21 -12.08
C LYS B 158 -23.42 17.64 -12.05
#